data_4JIR
#
_entry.id   4JIR
#
_cell.length_a   47.106
_cell.length_b   68.674
_cell.length_c   49.323
_cell.angle_alpha   90.00
_cell.angle_beta   94.16
_cell.angle_gamma   90.00
#
_symmetry.space_group_name_H-M   'P 1 21 1'
#
loop_
_entity.id
_entity.type
_entity.pdbx_description
1 polymer 'Aldose reductase'
2 non-polymer '{5-[(2E)-2-methyl-3-phenylprop-2-en-1-ylidene]-4-oxo-2-thioxo-1,3-thiazolidin-3-yl}acetic acid'
3 non-polymer 'SULFATE ION'
4 non-polymer 'NADP NICOTINAMIDE-ADENINE-DINUCLEOTIDE PHOSPHATE'
5 water water
#
_entity_poly.entity_id   1
_entity_poly.type   'polypeptide(L)'
_entity_poly.pdbx_seq_one_letter_code
;MASRLLLNNGAKMPILGLGTWKSPPGQVTEAVKVAIDVGYRHIDCAHVYQNENEVGVAIQEKLREQVVKREELFIVSKLW
CTYHEKGLVKGACQKTLSDLKLDYLDLYLIHWPTGFKPGKEFFPLDESGNVVPSDTNILDTWAAMEELVDEGLVKAIGIS
NFNHLQVEMILNKPGLKYKPAVNQIECHPYLTQEKLIQYCQSKGIVVTAYSPLGSPDRPWAKPEDPSLLEDPRIKAIAAK
HNKTTAQVLIRFPMQRNLVVIPKSVTPERIAENFKVFDFELSSQDMTTLLSYNRNWRVCALLSCTSHKDYPFHEEF
;
_entity_poly.pdbx_strand_id   A
#
loop_
_chem_comp.id
_chem_comp.type
_chem_comp.name
_chem_comp.formula
EPR non-polymer '{5-[(2E)-2-methyl-3-phenylprop-2-en-1-ylidene]-4-oxo-2-thioxo-1,3-thiazolidin-3-yl}acetic acid' 'C15 H13 N O3 S2'
NAP non-polymer 'NADP NICOTINAMIDE-ADENINE-DINUCLEOTIDE PHOSPHATE' 'C21 H28 N7 O17 P3'
SO4 non-polymer 'SULFATE ION' 'O4 S -2'
#
# COMPACT_ATOMS: atom_id res chain seq x y z
N MET A 1 -1.09 19.79 10.05
CA MET A 1 -1.16 18.51 9.34
C MET A 1 -2.53 18.32 8.67
N ALA A 2 -2.56 18.54 7.35
CA ALA A 2 -3.78 18.37 6.56
C ALA A 2 -4.12 16.90 6.34
N SER A 3 -5.39 16.58 6.13
CA SER A 3 -5.80 15.18 6.10
C SER A 3 -5.62 14.47 4.76
N ARG A 4 -5.33 15.23 3.70
CA ARG A 4 -5.20 14.66 2.36
C ARG A 4 -4.04 15.26 1.59
N LEU A 5 -3.40 14.47 0.73
CA LEU A 5 -2.36 14.95 -0.18
C LEU A 5 -2.88 15.05 -1.62
N LEU A 6 -2.43 16.08 -2.34
CA LEU A 6 -2.74 16.23 -3.76
C LEU A 6 -1.88 15.31 -4.65
N LEU A 7 -2.55 14.51 -5.49
CA LEU A 7 -1.86 13.62 -6.43
C LEU A 7 -1.65 14.34 -7.76
N ASN A 8 -0.72 13.83 -8.56
CA ASN A 8 -0.45 14.42 -9.86
C ASN A 8 -1.55 14.21 -10.91
N ASN A 9 -2.65 13.58 -10.53
CA ASN A 9 -3.80 13.46 -11.44
C ASN A 9 -4.89 14.46 -11.06
N GLY A 10 -4.59 15.31 -10.08
CA GLY A 10 -5.54 16.31 -9.61
C GLY A 10 -6.41 15.89 -8.44
N ALA A 11 -6.36 14.61 -8.06
CA ALA A 11 -7.23 14.11 -7.00
C ALA A 11 -6.54 14.23 -5.66
N LYS A 12 -7.31 14.23 -4.58
CA LYS A 12 -6.76 14.28 -3.23
C LYS A 12 -6.91 12.92 -2.54
N MET A 13 -5.83 12.48 -1.91
CA MET A 13 -5.77 11.16 -1.27
C MET A 13 -5.61 11.32 0.24
N PRO A 14 -6.50 10.70 1.03
CA PRO A 14 -6.37 10.75 2.49
C PRO A 14 -5.05 10.15 2.98
N ILE A 15 -4.35 10.83 3.87
CA ILE A 15 -3.01 10.39 4.26
C ILE A 15 -3.04 9.18 5.20
N LEU A 16 -4.20 8.93 5.79
CA LEU A 16 -4.39 7.80 6.69
C LEU A 16 -5.44 6.85 6.12
N GLY A 17 -5.03 5.62 5.85
CA GLY A 17 -5.96 4.65 5.28
C GLY A 17 -5.94 3.38 6.11
N LEU A 18 -6.91 2.48 5.86
CA LEU A 18 -6.97 1.20 6.57
C LEU A 18 -6.37 0.08 5.72
N GLY A 19 -5.37 -0.62 6.25
CA GLY A 19 -4.83 -1.78 5.56
C GLY A 19 -5.70 -3.01 5.76
N THR A 20 -5.69 -3.94 4.79
CA THR A 20 -6.55 -5.13 4.85
C THR A 20 -5.86 -6.48 4.58
N TRP A 21 -4.54 -6.47 4.41
CA TRP A 21 -3.78 -7.71 4.26
C TRP A 21 -3.80 -8.46 5.59
N LYS A 22 -4.18 -9.74 5.52
CA LYS A 22 -4.31 -10.64 6.67
C LYS A 22 -5.61 -10.44 7.45
N SER A 23 -6.44 -9.49 7.00
CA SER A 23 -7.75 -9.28 7.64
C SER A 23 -8.69 -10.36 7.16
N PRO A 24 -9.06 -11.30 8.05
CA PRO A 24 -9.89 -12.43 7.61
C PRO A 24 -11.21 -11.95 7.02
N PRO A 25 -11.73 -12.69 6.03
CA PRO A 25 -12.98 -12.28 5.36
C PRO A 25 -14.12 -12.08 6.35
N GLY A 26 -14.19 -12.96 7.35
CA GLY A 26 -15.25 -12.90 8.35
C GLY A 26 -15.12 -11.75 9.34
N GLN A 27 -14.01 -11.01 9.27
CA GLN A 27 -13.76 -9.92 10.21
C GLN A 27 -13.56 -8.56 9.55
N VAL A 28 -13.25 -8.57 8.25
CA VAL A 28 -12.87 -7.34 7.57
C VAL A 28 -14.08 -6.43 7.29
N THR A 29 -15.26 -7.03 7.18
CA THR A 29 -16.44 -6.19 6.97
C THR A 29 -16.64 -5.26 8.17
N GLU A 30 -16.63 -5.84 9.37
CA GLU A 30 -16.77 -5.03 10.58
C GLU A 30 -15.62 -4.04 10.70
N ALA A 31 -14.40 -4.50 10.39
CA ALA A 31 -13.23 -3.64 10.48
C ALA A 31 -13.43 -2.38 9.62
N VAL A 32 -13.86 -2.56 8.38
CA VAL A 32 -14.03 -1.44 7.46
C VAL A 32 -15.19 -0.53 7.89
N LYS A 33 -16.25 -1.13 8.44
CA LYS A 33 -17.39 -0.32 8.92
C LYS A 33 -16.99 0.59 10.07
N VAL A 34 -16.30 0.04 11.07
CA VAL A 34 -15.83 0.83 12.21
C VAL A 34 -14.88 1.92 11.73
N ALA A 35 -13.95 1.52 10.85
CA ALA A 35 -13.01 2.47 10.26
C ALA A 35 -13.74 3.68 9.68
N ILE A 36 -14.70 3.45 8.80
CA ILE A 36 -15.45 4.56 8.20
C ILE A 36 -16.13 5.42 9.27
N ASP A 37 -16.77 4.78 10.26
CA ASP A 37 -17.45 5.52 11.32
C ASP A 37 -16.53 6.49 12.05
N VAL A 38 -15.30 6.05 12.31
CA VAL A 38 -14.37 6.87 13.09
C VAL A 38 -13.50 7.77 12.23
N GLY A 39 -13.78 7.81 10.92
CA GLY A 39 -13.17 8.83 10.09
C GLY A 39 -12.25 8.41 8.95
N TYR A 40 -11.92 7.12 8.84
CA TYR A 40 -11.12 6.69 7.70
C TYR A 40 -11.95 6.88 6.45
N ARG A 41 -11.31 7.36 5.38
CA ARG A 41 -11.96 7.51 4.09
C ARG A 41 -11.14 6.86 2.99
N HIS A 42 -10.10 6.14 3.40
CA HIS A 42 -9.17 5.50 2.48
C HIS A 42 -9.00 4.05 2.94
N ILE A 43 -9.31 3.10 2.06
CA ILE A 43 -9.13 1.67 2.35
C ILE A 43 -8.16 1.08 1.33
N ASP A 44 -7.13 0.38 1.80
CA ASP A 44 -6.17 -0.25 0.90
C ASP A 44 -6.50 -1.73 0.76
N CYS A 45 -6.74 -2.16 -0.48
CA CYS A 45 -7.19 -3.52 -0.77
C CYS A 45 -6.27 -4.19 -1.80
N ALA A 46 -6.51 -5.46 -2.07
CA ALA A 46 -5.82 -6.15 -3.16
C ALA A 46 -6.56 -7.44 -3.45
N HIS A 47 -6.60 -7.84 -4.72
CA HIS A 47 -7.23 -9.11 -5.09
C HIS A 47 -6.56 -10.28 -4.35
N VAL A 48 -5.25 -10.19 -4.19
CA VAL A 48 -4.51 -11.25 -3.54
C VAL A 48 -4.83 -11.36 -2.04
N TYR A 49 -5.43 -10.33 -1.43
CA TYR A 49 -5.77 -10.44 0.01
C TYR A 49 -7.01 -11.30 0.21
N GLN A 50 -7.72 -11.57 -0.89
CA GLN A 50 -8.84 -12.51 -0.92
C GLN A 50 -9.97 -12.16 0.04
N ASN A 51 -10.17 -10.87 0.26
CA ASN A 51 -11.25 -10.45 1.13
C ASN A 51 -11.94 -9.24 0.53
N GLU A 52 -11.77 -9.04 -0.77
CA GLU A 52 -12.33 -7.84 -1.39
C GLU A 52 -13.86 -7.84 -1.38
N ASN A 53 -14.48 -9.01 -1.52
CA ASN A 53 -15.94 -9.06 -1.43
C ASN A 53 -16.45 -8.51 -0.08
N GLU A 54 -15.86 -9.00 1.01
CA GLU A 54 -16.27 -8.59 2.35
C GLU A 54 -15.92 -7.11 2.65
N VAL A 55 -14.84 -6.60 2.06
CA VAL A 55 -14.58 -5.14 2.11
C VAL A 55 -15.72 -4.41 1.39
N GLY A 56 -16.11 -4.94 0.23
CA GLY A 56 -17.19 -4.36 -0.55
C GLY A 56 -18.50 -4.28 0.22
N VAL A 57 -18.81 -5.33 0.98
CA VAL A 57 -20.02 -5.36 1.79
C VAL A 57 -20.04 -4.18 2.76
N ALA A 58 -18.91 -3.91 3.41
CA ALA A 58 -18.85 -2.83 4.38
C ALA A 58 -19.12 -1.48 3.72
N ILE A 59 -18.46 -1.25 2.60
CA ILE A 59 -18.62 0.00 1.86
C ILE A 59 -20.07 0.16 1.41
N GLN A 60 -20.65 -0.91 0.87
CA GLN A 60 -22.01 -0.82 0.34
C GLN A 60 -23.00 -0.46 1.44
N GLU A 61 -22.83 -1.07 2.61
CA GLU A 61 -23.74 -0.83 3.72
C GLU A 61 -23.59 0.56 4.33
N LYS A 62 -22.36 1.09 4.39
CA LYS A 62 -22.15 2.47 4.85
C LYS A 62 -22.70 3.51 3.86
N LEU A 63 -22.65 3.20 2.57
CA LEU A 63 -23.27 4.05 1.55
C LEU A 63 -24.79 4.03 1.69
N ARG A 64 -25.34 2.82 1.74
CA ARG A 64 -26.77 2.63 1.94
C ARG A 64 -27.29 3.36 3.18
N GLU A 65 -26.52 3.29 4.26
CA GLU A 65 -26.89 3.93 5.53
C GLU A 65 -26.74 5.44 5.51
N GLN A 66 -26.26 5.99 4.39
CA GLN A 66 -26.01 7.44 4.26
C GLN A 66 -24.95 7.95 5.25
N VAL A 67 -23.97 7.10 5.58
CA VAL A 67 -22.90 7.45 6.50
C VAL A 67 -21.84 8.26 5.76
N VAL A 68 -21.57 7.86 4.52
CA VAL A 68 -20.60 8.52 3.67
C VAL A 68 -21.16 8.41 2.26
N LYS A 69 -20.70 9.24 1.33
CA LYS A 69 -21.01 8.99 -0.09
C LYS A 69 -19.76 8.58 -0.85
N ARG A 70 -19.95 8.00 -2.04
CA ARG A 70 -18.83 7.43 -2.80
C ARG A 70 -17.70 8.43 -3.04
N GLU A 71 -18.05 9.67 -3.39
CA GLU A 71 -17.06 10.71 -3.72
C GLU A 71 -16.11 10.98 -2.56
N GLU A 72 -16.56 10.64 -1.36
CA GLU A 72 -15.78 10.93 -0.15
C GLU A 72 -14.84 9.80 0.23
N LEU A 73 -14.96 8.66 -0.46
CA LEU A 73 -14.10 7.51 -0.21
C LEU A 73 -12.95 7.45 -1.22
N PHE A 74 -11.82 6.90 -0.79
CA PHE A 74 -10.69 6.70 -1.68
C PHE A 74 -10.31 5.24 -1.59
N ILE A 75 -10.75 4.47 -2.58
CA ILE A 75 -10.58 3.02 -2.53
C ILE A 75 -9.42 2.58 -3.44
N VAL A 76 -8.50 1.83 -2.84
CA VAL A 76 -7.28 1.41 -3.54
C VAL A 76 -7.25 -0.10 -3.69
N SER A 77 -6.94 -0.58 -4.89
CA SER A 77 -6.65 -2.00 -5.05
C SER A 77 -5.42 -2.19 -5.92
N LYS A 78 -5.08 -3.44 -6.20
CA LYS A 78 -3.79 -3.75 -6.81
C LYS A 78 -3.91 -4.92 -7.78
N LEU A 79 -3.22 -4.79 -8.92
CA LEU A 79 -3.18 -5.84 -9.94
C LEU A 79 -2.22 -6.95 -9.52
N TRP A 80 -2.71 -8.18 -9.38
CA TRP A 80 -1.82 -9.25 -8.95
C TRP A 80 -0.86 -9.70 -10.06
N CYS A 81 0.23 -10.36 -9.65
CA CYS A 81 1.35 -10.67 -10.53
C CYS A 81 1.03 -11.59 -11.71
N THR A 82 0.02 -12.43 -11.56
CA THR A 82 -0.34 -13.39 -12.61
C THR A 82 -1.15 -12.71 -13.74
N TYR A 83 -1.34 -11.40 -13.63
CA TYR A 83 -2.19 -10.67 -14.58
C TYR A 83 -1.47 -9.54 -15.31
N HIS A 84 -0.14 -9.61 -15.35
CA HIS A 84 0.63 -8.53 -15.99
C HIS A 84 0.48 -8.46 -17.52
N GLU A 85 0.04 -9.55 -18.15
CA GLU A 85 -0.19 -9.54 -19.59
C GLU A 85 -1.22 -8.48 -19.97
N LYS A 86 -0.90 -7.65 -20.98
CA LYS A 86 -1.79 -6.57 -21.41
C LYS A 86 -3.24 -7.02 -21.60
N GLY A 87 -3.44 -8.22 -22.12
CA GLY A 87 -4.79 -8.70 -22.36
C GLY A 87 -5.52 -9.14 -21.10
N LEU A 88 -4.81 -9.21 -19.97
CA LEU A 88 -5.41 -9.74 -18.74
C LEU A 88 -5.71 -8.67 -17.69
N VAL A 89 -5.18 -7.46 -17.90
CA VAL A 89 -5.23 -6.40 -16.90
C VAL A 89 -6.65 -5.91 -16.64
N LYS A 90 -7.36 -5.60 -17.72
CA LYS A 90 -8.73 -5.09 -17.62
C LYS A 90 -9.60 -6.08 -16.88
N GLY A 91 -9.50 -7.35 -17.25
CA GLY A 91 -10.27 -8.41 -16.61
C GLY A 91 -10.04 -8.50 -15.11
N ALA A 92 -8.78 -8.40 -14.70
CA ALA A 92 -8.44 -8.51 -13.29
C ALA A 92 -8.98 -7.29 -12.54
N CYS A 93 -8.90 -6.12 -13.17
CA CYS A 93 -9.47 -4.91 -12.57
C CYS A 93 -10.98 -5.05 -12.39
N GLN A 94 -11.66 -5.56 -13.42
CA GLN A 94 -13.10 -5.73 -13.37
C GLN A 94 -13.53 -6.74 -12.32
N LYS A 95 -12.70 -7.76 -12.10
CA LYS A 95 -13.00 -8.73 -11.04
C LYS A 95 -12.97 -8.02 -9.69
N THR A 96 -11.93 -7.22 -9.48
CA THR A 96 -11.81 -6.47 -8.23
C THR A 96 -12.98 -5.51 -8.03
N LEU A 97 -13.36 -4.82 -9.11
CA LEU A 97 -14.49 -3.89 -9.04
C LEU A 97 -15.77 -4.62 -8.72
N SER A 98 -15.93 -5.81 -9.29
CA SER A 98 -17.12 -6.62 -9.07
C SER A 98 -17.17 -7.06 -7.60
N ASP A 99 -16.05 -7.55 -7.09
CA ASP A 99 -15.95 -7.99 -5.69
C ASP A 99 -16.24 -6.84 -4.74
N LEU A 100 -15.64 -5.68 -5.03
CA LEU A 100 -15.79 -4.51 -4.16
C LEU A 100 -17.15 -3.85 -4.32
N LYS A 101 -17.90 -4.31 -5.34
CA LYS A 101 -19.19 -3.71 -5.70
C LYS A 101 -19.08 -2.22 -5.97
N LEU A 102 -18.03 -1.83 -6.68
CA LEU A 102 -17.81 -0.43 -7.06
C LEU A 102 -17.84 -0.21 -8.57
N ASP A 103 -18.21 1.01 -8.98
CA ASP A 103 -18.11 1.45 -10.37
C ASP A 103 -16.68 1.76 -10.80
N TYR A 104 -15.90 2.28 -9.86
CA TYR A 104 -14.52 2.64 -10.20
C TYR A 104 -13.64 2.52 -8.96
N LEU A 105 -12.33 2.50 -9.18
CA LEU A 105 -11.36 2.63 -8.09
C LEU A 105 -10.77 4.03 -8.14
N ASP A 106 -10.41 4.57 -6.98
CA ASP A 106 -9.70 5.84 -6.98
C ASP A 106 -8.24 5.64 -7.36
N LEU A 107 -7.72 4.45 -7.08
CA LEU A 107 -6.32 4.16 -7.36
C LEU A 107 -6.11 2.67 -7.59
N TYR A 108 -5.41 2.32 -8.68
CA TYR A 108 -5.12 0.92 -8.99
C TYR A 108 -3.63 0.79 -9.21
N LEU A 109 -3.00 -0.08 -8.43
CA LEU A 109 -1.55 -0.20 -8.46
C LEU A 109 -1.10 -1.51 -9.07
N ILE A 110 0.04 -1.47 -9.76
CA ILE A 110 0.72 -2.72 -10.09
C ILE A 110 1.34 -3.20 -8.77
N HIS A 111 0.85 -4.34 -8.28
CA HIS A 111 1.21 -4.81 -6.93
C HIS A 111 2.70 -5.06 -6.71
N TRP A 112 3.33 -5.72 -7.67
CA TRP A 112 4.78 -5.95 -7.68
C TRP A 112 5.24 -5.80 -9.12
N PRO A 113 6.49 -5.36 -9.35
CA PRO A 113 6.97 -5.23 -10.74
C PRO A 113 7.12 -6.57 -11.46
N THR A 114 7.15 -7.65 -10.69
CA THR A 114 7.37 -9.02 -11.19
C THR A 114 6.11 -9.67 -11.75
N GLY A 115 6.10 -9.99 -13.05
CA GLY A 115 5.01 -10.75 -13.65
C GLY A 115 5.16 -12.25 -13.48
N PHE A 116 4.07 -12.93 -13.09
CA PHE A 116 4.08 -14.39 -12.88
C PHE A 116 3.34 -15.10 -14.00
N LYS A 117 3.71 -16.36 -14.24
CA LYS A 117 2.99 -17.22 -15.18
C LYS A 117 1.49 -17.15 -14.94
N PRO A 118 0.72 -16.80 -15.99
CA PRO A 118 -0.74 -16.68 -15.85
C PRO A 118 -1.35 -18.05 -15.57
N GLY A 119 -2.45 -18.07 -14.83
CA GLY A 119 -3.10 -19.32 -14.45
C GLY A 119 -3.75 -19.20 -13.08
N LYS A 120 -4.08 -20.34 -12.48
CA LYS A 120 -4.88 -20.33 -11.25
C LYS A 120 -4.07 -20.37 -9.95
N GLU A 121 -2.76 -20.37 -10.05
CA GLU A 121 -1.92 -20.28 -8.86
C GLU A 121 -1.53 -18.83 -8.65
N PHE A 122 -1.66 -18.35 -7.41
CA PHE A 122 -1.18 -17.01 -7.07
C PHE A 122 0.35 -16.95 -7.18
N PHE A 123 1.00 -18.05 -6.78
CA PHE A 123 2.46 -18.16 -6.78
C PHE A 123 2.87 -19.48 -7.42
N PRO A 124 2.98 -19.49 -8.76
CA PRO A 124 3.49 -20.71 -9.39
C PRO A 124 5.00 -20.83 -9.13
N LEU A 125 5.40 -21.88 -8.41
CA LEU A 125 6.83 -22.11 -8.17
C LEU A 125 7.31 -23.35 -8.91
N ASP A 126 8.61 -23.44 -9.14
CA ASP A 126 9.22 -24.66 -9.70
C ASP A 126 10.01 -25.41 -8.63
N GLU A 127 10.71 -26.45 -9.05
CA GLU A 127 11.45 -27.34 -8.13
C GLU A 127 12.55 -26.67 -7.32
N SER A 128 13.07 -25.54 -7.81
CA SER A 128 14.09 -24.81 -7.08
C SER A 128 13.44 -23.90 -6.05
N GLY A 129 12.11 -23.89 -6.03
CA GLY A 129 11.38 -23.02 -5.14
C GLY A 129 11.31 -21.59 -5.67
N ASN A 130 11.70 -21.42 -6.94
CA ASN A 130 11.67 -20.09 -7.56
C ASN A 130 10.39 -19.87 -8.34
N VAL A 131 9.95 -18.61 -8.45
CA VAL A 131 8.71 -18.35 -9.16
C VAL A 131 8.87 -18.61 -10.66
N VAL A 132 7.79 -19.05 -11.30
CA VAL A 132 7.70 -19.19 -12.74
C VAL A 132 7.21 -17.86 -13.32
N PRO A 133 8.10 -17.12 -14.01
CA PRO A 133 7.77 -15.77 -14.47
C PRO A 133 6.80 -15.77 -15.63
N SER A 134 6.29 -14.60 -16.00
CA SER A 134 5.60 -14.45 -17.28
C SER A 134 6.50 -13.62 -18.18
N ASP A 135 6.35 -13.84 -19.49
CA ASP A 135 7.05 -13.03 -20.46
C ASP A 135 6.34 -11.68 -20.54
N THR A 136 6.55 -10.86 -19.52
CA THR A 136 5.92 -9.55 -19.46
C THR A 136 6.98 -8.58 -18.98
N ASN A 137 6.80 -7.31 -19.29
CA ASN A 137 7.69 -6.28 -18.81
C ASN A 137 6.87 -5.13 -18.27
N ILE A 138 7.46 -4.29 -17.43
CA ILE A 138 6.67 -3.27 -16.72
C ILE A 138 6.03 -2.21 -17.64
N LEU A 139 6.69 -1.91 -18.76
CA LEU A 139 6.20 -0.86 -19.66
C LEU A 139 4.91 -1.26 -20.38
N ASP A 140 4.84 -2.49 -20.85
CA ASP A 140 3.63 -2.93 -21.54
C ASP A 140 2.49 -3.08 -20.55
N THR A 141 2.82 -3.53 -19.34
CA THR A 141 1.78 -3.63 -18.31
C THR A 141 1.28 -2.24 -17.95
N TRP A 142 2.20 -1.28 -17.91
CA TRP A 142 1.80 0.10 -17.60
C TRP A 142 0.84 0.67 -18.66
N ALA A 143 1.17 0.48 -19.94
CA ALA A 143 0.27 0.85 -21.03
C ALA A 143 -1.14 0.28 -20.82
N ALA A 144 -1.21 -0.96 -20.34
CA ALA A 144 -2.51 -1.59 -20.09
C ALA A 144 -3.23 -0.92 -18.91
N MET A 145 -2.46 -0.54 -17.89
CA MET A 145 -3.00 0.19 -16.74
C MET A 145 -3.54 1.54 -17.19
N GLU A 146 -2.80 2.21 -18.06
CA GLU A 146 -3.19 3.50 -18.58
C GLU A 146 -4.56 3.42 -19.25
N GLU A 147 -4.84 2.29 -19.90
CA GLU A 147 -6.08 2.16 -20.64
C GLU A 147 -7.27 2.17 -19.68
N LEU A 148 -7.07 1.65 -18.47
CA LEU A 148 -8.10 1.63 -17.45
C LEU A 148 -8.52 3.05 -17.05
N VAL A 149 -7.57 3.99 -17.05
CA VAL A 149 -7.90 5.38 -16.76
C VAL A 149 -8.74 5.97 -17.89
N ASP A 150 -8.26 5.81 -19.11
CA ASP A 150 -8.98 6.30 -20.30
C ASP A 150 -10.42 5.82 -20.31
N GLU A 151 -10.62 4.56 -19.92
CA GLU A 151 -11.94 3.95 -19.93
C GLU A 151 -12.78 4.26 -18.69
N GLY A 152 -12.19 4.97 -17.73
CA GLY A 152 -12.93 5.41 -16.56
C GLY A 152 -13.13 4.37 -15.46
N LEU A 153 -12.41 3.26 -15.55
CA LEU A 153 -12.52 2.22 -14.51
C LEU A 153 -11.75 2.61 -13.25
N VAL A 154 -10.70 3.40 -13.40
CA VAL A 154 -9.93 3.88 -12.27
C VAL A 154 -9.58 5.35 -12.50
N LYS A 155 -9.49 6.12 -11.41
CA LYS A 155 -9.20 7.55 -11.54
C LYS A 155 -7.70 7.83 -11.53
N ALA A 156 -6.92 6.88 -11.01
CA ALA A 156 -5.47 7.04 -10.93
C ALA A 156 -4.82 5.67 -10.98
N ILE A 157 -3.61 5.62 -11.50
CA ILE A 157 -2.85 4.38 -11.49
C ILE A 157 -1.50 4.65 -10.85
N GLY A 158 -0.89 3.59 -10.35
CA GLY A 158 0.38 3.71 -9.66
C GLY A 158 1.03 2.36 -9.56
N ILE A 159 2.09 2.29 -8.77
CA ILE A 159 2.91 1.10 -8.68
C ILE A 159 3.15 0.77 -7.21
N SER A 160 3.71 -0.41 -6.96
CA SER A 160 4.01 -0.82 -5.61
C SER A 160 5.25 -1.69 -5.63
N ASN A 161 6.14 -1.46 -4.67
CA ASN A 161 7.39 -2.21 -4.59
C ASN A 161 8.29 -2.01 -5.81
N PHE A 162 8.20 -0.85 -6.47
CA PHE A 162 9.13 -0.54 -7.58
C PHE A 162 10.34 0.21 -7.05
N ASN A 163 11.54 -0.17 -7.50
CA ASN A 163 12.75 0.56 -7.13
C ASN A 163 12.88 1.79 -8.03
N HIS A 164 13.81 2.69 -7.73
CA HIS A 164 13.81 3.97 -8.43
C HIS A 164 14.12 3.82 -9.93
N LEU A 165 14.87 2.79 -10.29
CA LEU A 165 15.17 2.53 -11.70
C LEU A 165 13.92 2.05 -12.42
N GLN A 166 13.10 1.30 -11.72
CA GLN A 166 11.85 0.83 -12.31
C GLN A 166 10.88 1.99 -12.49
N VAL A 167 10.82 2.88 -11.51
CA VAL A 167 10.01 4.09 -11.65
C VAL A 167 10.48 4.92 -12.85
N GLU A 168 11.80 5.09 -12.94
CA GLU A 168 12.41 5.89 -14.00
C GLU A 168 12.05 5.33 -15.37
N MET A 169 12.00 4.01 -15.46
CA MET A 169 11.71 3.33 -16.71
C MET A 169 10.32 3.75 -17.20
N ILE A 170 9.34 3.78 -16.29
CA ILE A 170 7.99 4.22 -16.62
C ILE A 170 7.98 5.72 -16.98
N LEU A 171 8.65 6.54 -16.17
CA LEU A 171 8.70 7.99 -16.41
C LEU A 171 9.24 8.34 -17.80
N ASN A 172 10.17 7.52 -18.28
CA ASN A 172 10.81 7.72 -19.58
C ASN A 172 10.19 6.89 -20.69
N LYS A 173 9.08 6.21 -20.40
CA LYS A 173 8.44 5.34 -21.38
C LYS A 173 8.04 6.10 -22.64
N PRO A 174 8.45 5.59 -23.80
CA PRO A 174 7.99 6.16 -25.07
C PRO A 174 6.47 6.07 -25.15
N GLY A 175 5.81 7.19 -25.43
CA GLY A 175 4.37 7.21 -25.54
C GLY A 175 3.63 7.22 -24.22
N LEU A 176 4.35 7.48 -23.12
CA LEU A 176 3.72 7.57 -21.80
C LEU A 176 2.51 8.49 -21.81
N LYS A 177 1.40 8.04 -21.24
CA LYS A 177 0.20 8.87 -21.14
C LYS A 177 0.03 9.42 -19.73
N TYR A 178 0.19 8.55 -18.73
CA TYR A 178 0.03 8.95 -17.33
C TYR A 178 1.23 8.52 -16.48
N LYS A 179 1.81 9.49 -15.78
CA LYS A 179 2.83 9.18 -14.79
C LYS A 179 2.19 8.39 -13.65
N PRO A 180 2.96 7.50 -13.01
CA PRO A 180 2.46 6.87 -11.78
C PRO A 180 2.06 7.94 -10.76
N ALA A 181 0.89 7.78 -10.14
CA ALA A 181 0.44 8.76 -9.14
C ALA A 181 1.05 8.42 -7.79
N VAL A 182 1.31 7.14 -7.56
CA VAL A 182 1.71 6.66 -6.23
C VAL A 182 2.65 5.47 -6.38
N ASN A 183 3.65 5.40 -5.50
CA ASN A 183 4.45 4.19 -5.35
C ASN A 183 4.27 3.74 -3.90
N GLN A 184 3.59 2.61 -3.69
CA GLN A 184 3.37 2.12 -2.34
C GLN A 184 4.49 1.14 -1.99
N ILE A 185 5.22 1.45 -0.91
CA ILE A 185 6.40 0.66 -0.51
C ILE A 185 6.42 0.43 1.00
N GLU A 186 7.15 -0.58 1.43
CA GLU A 186 7.34 -0.82 2.85
C GLU A 186 8.14 0.33 3.45
N CYS A 187 7.71 0.85 4.58
CA CYS A 187 8.42 1.96 5.21
C CYS A 187 8.09 2.08 6.68
N HIS A 188 9.14 2.15 7.49
CA HIS A 188 9.03 2.23 8.93
C HIS A 188 10.45 2.50 9.47
N PRO A 189 10.60 2.68 10.78
CA PRO A 189 11.95 3.05 11.27
C PRO A 189 13.09 2.06 10.99
N TYR A 190 12.81 0.79 10.68
CA TYR A 190 13.89 -0.15 10.33
C TYR A 190 14.17 -0.20 8.82
N LEU A 191 13.31 0.47 8.05
CA LEU A 191 13.42 0.55 6.59
C LEU A 191 12.90 1.91 6.14
N THR A 192 13.78 2.91 6.22
CA THR A 192 13.36 4.30 6.13
C THR A 192 13.17 4.82 4.71
N GLN A 193 13.78 4.15 3.73
CA GLN A 193 13.55 4.45 2.32
C GLN A 193 13.89 5.91 1.94
N GLU A 194 14.88 6.51 2.62
CA GLU A 194 15.22 7.91 2.35
C GLU A 194 15.41 8.23 0.87
N LYS A 195 16.26 7.46 0.18
CA LYS A 195 16.60 7.80 -1.20
C LYS A 195 15.44 7.57 -2.16
N LEU A 196 14.70 6.49 -1.94
CA LEU A 196 13.56 6.17 -2.81
C LEU A 196 12.43 7.17 -2.61
N ILE A 197 12.23 7.59 -1.37
CA ILE A 197 11.22 8.61 -1.08
C ILE A 197 11.59 9.94 -1.70
N GLN A 198 12.84 10.37 -1.49
CA GLN A 198 13.30 11.66 -1.99
C GLN A 198 13.15 11.67 -3.51
N TYR A 199 13.51 10.56 -4.15
CA TYR A 199 13.38 10.43 -5.61
C TYR A 199 11.93 10.57 -6.06
N CYS A 200 11.04 9.78 -5.46
CA CYS A 200 9.63 9.82 -5.83
C CYS A 200 9.02 11.20 -5.67
N GLN A 201 9.27 11.81 -4.51
CA GLN A 201 8.71 13.13 -4.21
C GLN A 201 9.29 14.24 -5.10
N SER A 202 10.54 14.07 -5.52
CA SER A 202 11.14 15.02 -6.46
C SER A 202 10.45 14.90 -7.82
N LYS A 203 9.81 13.76 -8.06
CA LYS A 203 9.16 13.51 -9.34
C LYS A 203 7.66 13.77 -9.27
N GLY A 204 7.18 14.14 -8.10
CA GLY A 204 5.77 14.41 -7.91
C GLY A 204 4.93 13.16 -7.70
N ILE A 205 5.61 12.06 -7.37
CA ILE A 205 4.97 10.77 -7.09
C ILE A 205 4.77 10.59 -5.57
N VAL A 206 3.53 10.39 -5.15
CA VAL A 206 3.23 10.31 -3.73
C VAL A 206 3.60 8.92 -3.20
N VAL A 207 4.19 8.86 -2.01
CA VAL A 207 4.59 7.57 -1.47
C VAL A 207 3.64 7.14 -0.37
N THR A 208 3.15 5.91 -0.48
CA THR A 208 2.40 5.28 0.60
C THR A 208 3.30 4.30 1.32
N ALA A 209 3.33 4.43 2.64
CA ALA A 209 4.14 3.58 3.51
C ALA A 209 3.30 2.40 4.01
N TYR A 210 3.71 1.17 3.68
CA TYR A 210 3.02 0.00 4.20
C TYR A 210 3.78 -0.71 5.32
N SER A 211 3.10 -1.60 6.03
CA SER A 211 3.64 -2.22 7.25
C SER A 211 4.27 -1.19 8.21
N PRO A 212 3.57 -0.07 8.50
CA PRO A 212 4.20 0.95 9.35
C PRO A 212 4.43 0.48 10.77
N LEU A 213 3.65 -0.52 11.22
CA LEU A 213 3.80 -1.07 12.57
C LEU A 213 4.76 -2.26 12.58
N GLY A 214 5.32 -2.57 11.42
CA GLY A 214 6.23 -3.70 11.34
C GLY A 214 5.51 -5.03 11.16
N SER A 215 4.22 -4.98 10.85
CA SER A 215 3.42 -6.18 10.52
C SER A 215 3.63 -7.30 11.53
N PRO A 216 3.28 -7.08 12.81
CA PRO A 216 3.53 -8.15 13.79
C PRO A 216 2.70 -9.42 13.56
N ASP A 217 1.63 -9.35 12.75
CA ASP A 217 0.91 -10.58 12.41
C ASP A 217 1.40 -11.27 11.13
N ARG A 218 2.54 -10.84 10.61
CA ARG A 218 3.12 -11.46 9.42
C ARG A 218 3.37 -12.95 9.67
N PRO A 219 3.07 -13.78 8.66
CA PRO A 219 3.15 -15.24 8.81
C PRO A 219 4.53 -15.72 9.28
N TRP A 220 5.59 -15.05 8.83
CA TRP A 220 6.93 -15.57 9.10
C TRP A 220 7.56 -15.12 10.44
N ALA A 221 6.78 -14.46 11.28
CA ALA A 221 7.31 -13.83 12.50
C ALA A 221 7.99 -14.80 13.48
N LYS A 222 9.22 -14.46 13.87
CA LYS A 222 10.03 -15.25 14.79
C LYS A 222 10.43 -14.42 16.00
N PRO A 223 10.59 -15.07 17.17
CA PRO A 223 10.92 -14.35 18.41
C PRO A 223 12.23 -13.57 18.30
N GLU A 224 13.15 -14.03 17.46
CA GLU A 224 14.44 -13.35 17.35
C GLU A 224 14.38 -12.10 16.46
N ASP A 225 13.27 -11.94 15.73
CA ASP A 225 13.08 -10.76 14.87
C ASP A 225 13.05 -9.50 15.69
N PRO A 226 13.52 -8.38 15.10
CA PRO A 226 13.30 -7.10 15.77
C PRO A 226 11.82 -6.79 15.81
N SER A 227 11.41 -5.92 16.73
CA SER A 227 10.01 -5.58 16.90
C SER A 227 9.88 -4.10 17.14
N LEU A 228 9.40 -3.37 16.13
CA LEU A 228 9.18 -1.93 16.26
C LEU A 228 8.32 -1.59 17.47
N LEU A 229 7.23 -2.32 17.63
CA LEU A 229 6.25 -2.00 18.67
C LEU A 229 6.81 -2.24 20.07
N GLU A 230 7.88 -3.03 20.15
CA GLU A 230 8.48 -3.31 21.46
C GLU A 230 9.87 -2.69 21.61
N ASP A 231 10.24 -1.84 20.65
CA ASP A 231 11.53 -1.17 20.66
C ASP A 231 11.48 -0.14 21.79
N PRO A 232 12.37 -0.29 22.78
CA PRO A 232 12.34 0.59 23.96
C PRO A 232 12.62 2.05 23.60
N ARG A 233 13.47 2.27 22.60
CA ARG A 233 13.78 3.62 22.12
C ARG A 233 12.50 4.29 21.58
N ILE A 234 11.70 3.51 20.87
CA ILE A 234 10.46 4.04 20.32
C ILE A 234 9.38 4.20 21.38
N LYS A 235 9.29 3.22 22.29
CA LYS A 235 8.37 3.31 23.42
C LYS A 235 8.64 4.58 24.22
N ALA A 236 9.91 4.93 24.34
CA ALA A 236 10.32 6.14 25.07
C ALA A 236 9.77 7.42 24.43
N ILE A 237 9.88 7.51 23.12
CA ILE A 237 9.33 8.66 22.40
C ILE A 237 7.81 8.68 22.59
N ALA A 238 7.20 7.51 22.50
CA ALA A 238 5.75 7.39 22.71
C ALA A 238 5.34 7.90 24.08
N ALA A 239 6.07 7.47 25.11
CA ALA A 239 5.78 7.89 26.48
C ALA A 239 5.90 9.42 26.63
N LYS A 240 6.95 10.00 26.05
CA LYS A 240 7.17 11.45 26.12
C LYS A 240 5.97 12.22 25.56
N HIS A 241 5.32 11.67 24.55
CA HIS A 241 4.18 12.35 23.93
C HIS A 241 2.83 11.90 24.47
N ASN A 242 2.86 11.01 25.45
CA ASN A 242 1.63 10.40 25.98
C ASN A 242 0.80 9.73 24.87
N LYS A 243 1.46 9.03 23.95
CA LYS A 243 0.76 8.28 22.91
C LYS A 243 1.24 6.84 22.93
N THR A 244 0.48 5.96 22.26
CA THR A 244 0.93 4.56 22.15
C THR A 244 2.06 4.48 21.13
N THR A 245 2.85 3.41 21.20
CA THR A 245 3.93 3.19 20.24
C THR A 245 3.40 3.15 18.80
N ALA A 246 2.23 2.54 18.64
CA ALA A 246 1.60 2.48 17.32
C ALA A 246 1.31 3.87 16.76
N GLN A 247 0.75 4.74 17.58
CA GLN A 247 0.41 6.08 17.14
C GLN A 247 1.64 6.86 16.71
N VAL A 248 2.77 6.61 17.39
CA VAL A 248 4.04 7.20 16.99
C VAL A 248 4.49 6.67 15.63
N LEU A 249 4.37 5.36 15.42
CA LEU A 249 4.82 4.73 14.18
C LEU A 249 3.94 5.14 13.00
N ILE A 250 2.73 5.59 13.29
CA ILE A 250 1.80 6.07 12.28
C ILE A 250 2.03 7.55 11.97
N ARG A 251 2.29 8.34 13.02
CA ARG A 251 2.59 9.77 12.87
C ARG A 251 3.91 10.00 12.13
N PHE A 252 4.88 9.13 12.36
CA PHE A 252 6.22 9.20 11.75
C PHE A 252 6.19 9.41 10.20
N PRO A 253 5.55 8.49 9.44
CA PRO A 253 5.47 8.72 7.99
C PRO A 253 4.63 9.95 7.61
N MET A 254 3.60 10.27 8.39
CA MET A 254 2.74 11.42 8.09
C MET A 254 3.56 12.72 8.02
N GLN A 255 4.51 12.85 8.94
CA GLN A 255 5.37 14.02 8.98
C GLN A 255 6.46 14.03 7.92
N ARG A 256 6.59 12.92 7.19
CA ARG A 256 7.49 12.85 6.06
C ARG A 256 6.72 13.10 4.76
N ASN A 257 5.48 13.55 4.88
CA ASN A 257 4.58 13.74 3.72
C ASN A 257 4.28 12.43 3.00
N LEU A 258 4.21 11.35 3.77
CA LEU A 258 3.83 10.05 3.24
C LEU A 258 2.37 9.75 3.59
N VAL A 259 1.71 8.97 2.74
CA VAL A 259 0.45 8.35 3.10
C VAL A 259 0.83 7.10 3.92
N VAL A 260 0.01 6.75 4.90
CA VAL A 260 0.29 5.56 5.72
C VAL A 260 -0.98 4.70 5.90
N ILE A 261 -0.83 3.38 5.89
CA ILE A 261 -1.99 2.48 5.89
C ILE A 261 -1.90 1.34 6.92
N PRO A 262 -1.99 1.68 8.22
CA PRO A 262 -1.96 0.65 9.27
C PRO A 262 -3.15 -0.30 9.19
N LYS A 263 -2.89 -1.58 9.44
CA LYS A 263 -3.95 -2.59 9.38
C LYS A 263 -4.40 -3.00 10.77
N SER A 264 -5.71 -3.13 10.96
CA SER A 264 -6.27 -3.77 12.15
C SER A 264 -7.67 -4.29 11.90
N VAL A 265 -8.01 -5.42 12.54
CA VAL A 265 -9.40 -5.89 12.58
C VAL A 265 -10.03 -5.64 13.96
N THR A 266 -9.27 -5.00 14.85
CA THR A 266 -9.70 -4.70 16.23
C THR A 266 -10.30 -3.29 16.31
N PRO A 267 -11.60 -3.22 16.65
CA PRO A 267 -12.31 -1.93 16.68
C PRO A 267 -11.60 -0.87 17.53
N GLU A 268 -11.12 -1.22 18.71
CA GLU A 268 -10.42 -0.27 19.58
C GLU A 268 -9.12 0.26 18.95
N ARG A 269 -8.40 -0.62 18.25
CA ARG A 269 -7.14 -0.22 17.63
C ARG A 269 -7.37 0.61 16.38
N ILE A 270 -8.41 0.24 15.63
CA ILE A 270 -8.80 0.98 14.43
C ILE A 270 -9.05 2.44 14.81
N ALA A 271 -9.79 2.65 15.89
CA ALA A 271 -10.04 4.01 16.41
C ALA A 271 -8.76 4.65 16.94
N GLU A 272 -7.96 3.89 17.70
CA GLU A 272 -6.72 4.40 18.28
C GLU A 272 -5.74 4.85 17.19
N ASN A 273 -5.63 4.03 16.15
CA ASN A 273 -4.72 4.31 15.06
C ASN A 273 -5.05 5.61 14.34
N PHE A 274 -6.33 6.00 14.33
CA PHE A 274 -6.74 7.21 13.61
C PHE A 274 -6.45 8.49 14.43
N LYS A 275 -6.27 8.32 15.73
CA LYS A 275 -6.09 9.46 16.64
C LYS A 275 -4.66 9.97 16.65
N VAL A 276 -4.21 10.47 15.50
CA VAL A 276 -2.83 10.87 15.33
C VAL A 276 -2.72 12.26 14.74
N PHE A 277 -3.80 13.03 14.76
CA PHE A 277 -3.74 14.40 14.26
C PHE A 277 -3.65 15.42 15.41
N ASP A 278 -3.46 14.92 16.63
CA ASP A 278 -3.50 15.79 17.82
C ASP A 278 -2.14 15.94 18.52
N PHE A 279 -1.05 15.58 17.85
CA PHE A 279 0.28 15.74 18.41
C PHE A 279 1.31 15.82 17.29
N GLU A 280 2.52 16.26 17.62
CA GLU A 280 3.61 16.27 16.66
C GLU A 280 4.87 15.63 17.23
N LEU A 281 5.57 14.88 16.39
CA LEU A 281 6.91 14.45 16.71
C LEU A 281 7.84 15.64 16.48
N SER A 282 8.80 15.83 17.39
CA SER A 282 9.76 16.93 17.25
C SER A 282 10.73 16.62 16.12
N SER A 283 11.46 17.64 15.69
CA SER A 283 12.47 17.47 14.66
C SER A 283 13.47 16.38 15.05
N GLN A 284 13.86 16.36 16.33
CA GLN A 284 14.84 15.39 16.78
C GLN A 284 14.22 13.98 16.84
N ASP A 285 12.95 13.91 17.23
CA ASP A 285 12.21 12.64 17.18
C ASP A 285 12.33 12.02 15.79
N MET A 286 12.14 12.85 14.76
CA MET A 286 12.14 12.37 13.38
C MET A 286 13.53 11.91 12.99
N THR A 287 14.53 12.73 13.29
CA THR A 287 15.92 12.39 13.04
C THR A 287 16.30 11.08 13.75
N THR A 288 15.88 10.95 15.00
CA THR A 288 16.21 9.77 15.78
C THR A 288 15.54 8.50 15.21
N LEU A 289 14.23 8.58 14.96
CA LEU A 289 13.53 7.46 14.34
C LEU A 289 14.17 7.08 13.00
N LEU A 290 14.63 8.08 12.23
CA LEU A 290 15.32 7.79 10.97
C LEU A 290 16.65 7.05 11.17
N SER A 291 17.35 7.39 12.25
CA SER A 291 18.65 6.78 12.55
C SER A 291 18.54 5.27 12.85
N TYR A 292 17.31 4.79 13.02
CA TYR A 292 17.09 3.39 13.39
C TYR A 292 17.08 2.47 12.17
N ASN A 293 17.20 3.04 10.97
CA ASN A 293 17.17 2.26 9.74
C ASN A 293 18.16 1.08 9.78
N ARG A 294 17.71 -0.09 9.34
CA ARG A 294 18.65 -1.20 9.20
C ARG A 294 18.40 -2.05 7.97
N ASN A 295 17.63 -1.52 7.02
CA ASN A 295 17.39 -2.20 5.75
C ASN A 295 16.68 -3.53 5.97
N TRP A 296 15.75 -3.56 6.94
CA TRP A 296 15.06 -4.78 7.34
C TRP A 296 13.65 -4.84 6.75
N ARG A 297 13.40 -5.81 5.85
CA ARG A 297 12.09 -5.93 5.19
C ARG A 297 11.20 -7.04 5.74
N VAL A 298 9.96 -6.68 6.04
CA VAL A 298 8.88 -7.65 6.26
C VAL A 298 8.59 -8.41 4.95
N CYS A 299 8.50 -7.66 3.85
CA CYS A 299 8.08 -8.22 2.57
C CYS A 299 9.23 -8.19 1.58
N ALA A 300 9.98 -9.29 1.52
CA ALA A 300 11.15 -9.36 0.63
C ALA A 300 10.90 -10.21 -0.62
N LEU A 301 9.67 -10.68 -0.79
CA LEU A 301 9.28 -11.48 -1.96
C LEU A 301 10.34 -12.54 -2.28
N LEU A 302 10.71 -13.32 -1.28
CA LEU A 302 11.89 -14.19 -1.33
C LEU A 302 11.86 -15.31 -2.37
N SER A 303 10.67 -15.72 -2.79
CA SER A 303 10.55 -16.79 -3.79
C SER A 303 10.78 -16.25 -5.22
N CYS A 304 11.10 -14.96 -5.32
CA CYS A 304 11.23 -14.32 -6.64
C CYS A 304 12.58 -13.64 -6.84
N THR A 305 13.58 -14.01 -6.06
CA THR A 305 14.87 -13.29 -6.12
C THR A 305 15.64 -13.48 -7.43
N SER A 306 15.18 -14.40 -8.28
CA SER A 306 15.80 -14.58 -9.59
C SER A 306 15.00 -13.99 -10.75
N HIS A 307 13.81 -13.49 -10.44
CA HIS A 307 12.97 -12.85 -11.45
C HIS A 307 13.72 -11.65 -12.01
N LYS A 308 13.66 -11.44 -13.33
CA LYS A 308 14.39 -10.35 -13.95
C LYS A 308 13.96 -8.98 -13.42
N ASP A 309 12.74 -8.89 -12.93
CA ASP A 309 12.22 -7.64 -12.40
C ASP A 309 12.15 -7.60 -10.88
N TYR A 310 12.86 -8.51 -10.22
CA TYR A 310 12.91 -8.48 -8.74
C TYR A 310 13.45 -7.13 -8.32
N PRO A 311 12.72 -6.43 -7.43
CA PRO A 311 13.03 -5.02 -7.19
C PRO A 311 14.12 -4.73 -6.16
N PHE A 312 14.52 -5.70 -5.34
CA PHE A 312 15.32 -5.39 -4.15
C PHE A 312 16.81 -5.78 -4.24
N HIS A 313 17.31 -5.97 -5.45
CA HIS A 313 18.76 -6.09 -5.67
C HIS A 313 19.37 -4.70 -5.74
N GLU A 314 18.70 -3.80 -6.46
CA GLU A 314 19.13 -2.40 -6.55
C GLU A 314 19.21 -1.77 -5.17
N GLU A 315 20.12 -0.82 -5.02
CA GLU A 315 20.27 -0.09 -3.76
C GLU A 315 18.95 0.54 -3.33
N PHE A 316 18.30 1.23 -4.27
CA PHE A 316 16.97 1.79 -4.01
C PHE A 316 16.17 1.94 -5.30
N EPR B . 1.77 -10.08 0.67
O EPR B . -0.32 -10.83 0.07
S EPR B . 4.40 -9.69 1.28
C1 EPR B . 1.60 -15.01 -0.13
O1 EPR B . 0.60 -6.90 -0.32
S1 EPR B . 3.19 -12.31 0.41
O2 EPR B . 1.89 -8.38 -1.36
C9 EPR B . 0.90 -13.70 -0.39
C10 EPR B . 1.50 -12.42 0.06
C11 EPR B . 0.93 -11.06 0.26
C12 EPR B . 3.00 -10.63 0.79
C13 EPR B . 1.46 -8.68 0.96
C14 EPR B . 1.30 -7.94 -0.34
S SO4 C . 2.20 16.28 -6.87
O1 SO4 C . 0.93 16.99 -6.73
O2 SO4 C . 2.26 15.60 -8.15
O3 SO4 C . 3.34 17.21 -6.86
O4 SO4 C . 2.36 15.32 -5.76
S SO4 D . 9.80 -5.18 12.82
O1 SO4 D . 8.97 -4.52 13.83
O2 SO4 D . 9.85 -4.38 11.58
O3 SO4 D . 11.17 -5.31 13.30
O4 SO4 D . 9.29 -6.53 12.53
PA NAP E . 0.96 -3.27 9.93
O1A NAP E . 2.33 -2.66 10.12
O2A NAP E . -0.20 -2.38 9.58
O5B NAP E . 0.59 -4.12 11.25
C5B NAP E . -0.68 -4.78 11.39
C4B NAP E . -0.63 -5.63 12.66
O4B NAP E . -0.44 -4.80 13.81
C3B NAP E . -1.85 -6.47 12.98
O3B NAP E . -1.34 -7.59 13.70
C2B NAP E . -2.64 -5.64 13.96
O2B NAP E . -3.37 -6.48 14.83
C1B NAP E . -1.52 -4.98 14.74
N9A NAP E . -1.94 -3.66 15.23
C8A NAP E . -2.68 -2.76 14.55
N7A NAP E . -2.90 -1.66 15.29
C5A NAP E . -2.32 -1.84 16.50
C6A NAP E . -2.20 -1.04 17.74
N6A NAP E . -2.75 0.19 17.86
N1A NAP E . -1.51 -1.62 18.74
C2A NAP E . -0.96 -2.85 18.65
N3A NAP E . -1.03 -3.63 17.55
C4A NAP E . -1.70 -3.18 16.45
O3 NAP E . 1.15 -4.51 8.92
PN NAP E . 0.65 -4.81 7.40
O1N NAP E . -0.75 -5.40 7.44
O2N NAP E . 1.79 -5.59 6.79
O5D NAP E . 0.65 -3.38 6.65
C5D NAP E . -0.55 -2.61 6.57
C4D NAP E . -1.17 -2.67 5.16
O4D NAP E . -0.29 -2.26 4.11
C3D NAP E . -1.59 -4.07 4.78
O3D NAP E . -2.78 -4.45 5.48
C2D NAP E . -1.79 -3.89 3.31
O2D NAP E . -3.01 -3.15 3.13
C1D NAP E . -0.61 -3.02 2.92
N1N NAP E . 0.54 -3.82 2.44
C2N NAP E . 0.91 -3.73 1.14
C3N NAP E . 1.98 -4.46 0.63
C7N NAP E . 2.37 -4.35 -0.81
O7N NAP E . 3.11 -5.20 -1.29
N7N NAP E . 1.92 -3.32 -1.53
C4N NAP E . 2.68 -5.31 1.47
C5N NAP E . 2.31 -5.40 2.80
C6N NAP E . 1.24 -4.64 3.26
P2B NAP E . -4.99 -6.66 14.71
O1X NAP E . -5.28 -6.56 13.23
O2X NAP E . -5.17 -8.05 15.30
O3X NAP E . -5.58 -5.57 15.58
#